data_6N36
#
_entry.id   6N36
#
_cell.length_a   40.137
_cell.length_b   79.849
_cell.length_c   85.488
_cell.angle_alpha   90.000
_cell.angle_beta   90.000
_cell.angle_gamma   90.000
#
_symmetry.space_group_name_H-M   'P 21 21 21'
#
loop_
_entity.id
_entity.type
_entity.pdbx_description
1 polymer Beta-lactamase
2 non-polymer 'ZINC ION'
3 non-polymer 1,2-ETHANEDIOL
4 water water
#
_entity_poly.entity_id   1
_entity_poly.type   'polypeptide(L)'
_entity_poly.pdbx_seq_one_letter_code
;SNAQKLIKDLYVDKEWSADYQPFRIAGNLYYIGTYDLGMFLITTPKGHILINTGVAGSDTLIKAHMKTLGFKFKDIRILL
TTHAHYDHVGAMAAVKQQTHAKMMVNEKDAALLADGGNSDYVMGGKGSMFLPVKADRLLHDGDSIQLGGMKIVMRQHPGH
TPGANSFLFDVKDAVRTYKVLIANIPSILNDTKLSGMPLYPEVGKDYAYTLKAMKALKFDLWLAPHAGQYELHKKHQPGD
AYNPAAFSDRAGYDDVLDEWQQIYDKRVKEE
;
_entity_poly.pdbx_strand_id   A
#
loop_
_chem_comp.id
_chem_comp.type
_chem_comp.name
_chem_comp.formula
EDO non-polymer 1,2-ETHANEDIOL 'C2 H6 O2'
ZN non-polymer 'ZINC ION' 'Zn 2'
#
# COMPACT_ATOMS: atom_id res chain seq x y z
N LEU A 6 -14.55 15.55 -9.44
CA LEU A 6 -13.20 14.92 -9.65
C LEU A 6 -12.58 15.41 -10.95
N ILE A 7 -11.24 15.54 -10.99
CA ILE A 7 -10.47 15.81 -12.24
C ILE A 7 -10.86 14.76 -13.28
N LYS A 8 -11.26 15.23 -14.45
CA LYS A 8 -11.57 14.38 -15.63
C LYS A 8 -10.24 13.84 -16.18
N ASP A 9 -10.29 12.67 -16.81
CA ASP A 9 -9.20 12.24 -17.72
C ASP A 9 -7.94 11.97 -16.89
N LEU A 10 -8.09 11.50 -15.65
CA LEU A 10 -6.93 11.06 -14.85
C LEU A 10 -6.19 9.96 -15.60
N TYR A 11 -4.87 9.97 -15.54
CA TYR A 11 -4.05 8.89 -16.13
C TYR A 11 -4.30 7.57 -15.41
N VAL A 12 -4.56 6.52 -16.19
CA VAL A 12 -4.62 5.12 -15.69
C VAL A 12 -3.74 4.25 -16.58
N ASP A 13 -2.69 3.65 -16.05
CA ASP A 13 -1.79 2.69 -16.74
C ASP A 13 -2.63 1.46 -17.10
N LYS A 14 -2.51 0.91 -18.30
CA LYS A 14 -3.34 -0.28 -18.64
C LYS A 14 -3.11 -1.40 -17.60
N GLU A 15 -1.89 -1.51 -17.03
CA GLU A 15 -1.61 -2.61 -16.07
C GLU A 15 -2.30 -2.33 -14.72
N TRP A 16 -2.70 -1.08 -14.47
CA TRP A 16 -3.39 -0.75 -13.19
C TRP A 16 -4.78 -1.39 -13.15
N SER A 17 -5.41 -1.48 -14.30
CA SER A 17 -6.83 -1.91 -14.43
CA SER A 17 -6.83 -1.93 -14.37
C SER A 17 -6.91 -3.36 -14.92
N ALA A 18 -5.78 -3.92 -15.39
CA ALA A 18 -5.73 -5.28 -15.99
C ALA A 18 -6.07 -6.32 -14.92
N ASP A 19 -6.92 -7.27 -15.26
CA ASP A 19 -7.32 -8.31 -14.29
C ASP A 19 -6.14 -9.22 -14.00
N TYR A 20 -6.15 -9.79 -12.81
CA TYR A 20 -5.16 -10.78 -12.37
C TYR A 20 -5.89 -11.78 -11.46
N GLN A 21 -5.54 -13.05 -11.58
CA GLN A 21 -6.14 -14.16 -10.80
CA GLN A 21 -6.17 -14.13 -10.79
C GLN A 21 -5.77 -13.95 -9.33
N PRO A 22 -6.73 -13.80 -8.40
CA PRO A 22 -6.35 -13.66 -7.01
C PRO A 22 -5.77 -14.97 -6.49
N PHE A 23 -4.98 -14.85 -5.41
CA PHE A 23 -4.30 -16.02 -4.88
C PHE A 23 -3.91 -15.82 -3.42
N ARG A 24 -3.72 -16.94 -2.75
CA ARG A 24 -3.24 -16.97 -1.36
C ARG A 24 -1.72 -16.78 -1.38
N ILE A 25 -1.27 -15.73 -0.70
CA ILE A 25 0.19 -15.46 -0.60
C ILE A 25 0.79 -16.38 0.46
N ALA A 26 0.29 -16.28 1.68
CA ALA A 26 0.88 -16.93 2.86
C ALA A 26 -0.20 -16.91 3.93
N GLY A 27 -0.56 -18.09 4.47
CA GLY A 27 -1.53 -18.07 5.57
C GLY A 27 -2.86 -17.48 5.13
N ASN A 28 -3.34 -16.53 5.93
CA ASN A 28 -4.62 -15.80 5.73
C ASN A 28 -4.42 -14.49 4.97
N LEU A 29 -3.29 -14.32 4.30
CA LEU A 29 -3.02 -13.12 3.45
C LEU A 29 -3.16 -13.49 1.99
N TYR A 30 -4.02 -12.77 1.31
CA TYR A 30 -4.37 -13.02 -0.10
C TYR A 30 -4.06 -11.76 -0.92
N TYR A 31 -3.69 -12.01 -2.17
CA TYR A 31 -3.53 -11.00 -3.22
C TYR A 31 -4.85 -10.89 -3.97
N ILE A 32 -5.48 -9.73 -4.01
CA ILE A 32 -6.77 -9.50 -4.74
C ILE A 32 -6.67 -8.28 -5.66
N GLY A 33 -5.46 -7.88 -5.99
CA GLY A 33 -5.22 -6.68 -6.79
C GLY A 33 -5.29 -6.92 -8.28
N THR A 34 -4.74 -5.98 -9.01
CA THR A 34 -4.70 -6.06 -10.49
C THR A 34 -3.31 -6.52 -10.93
N TYR A 35 -3.08 -6.54 -12.25
CA TYR A 35 -1.74 -6.94 -12.74
C TYR A 35 -0.67 -6.11 -12.03
N ASP A 36 -0.85 -4.79 -11.89
CA ASP A 36 0.19 -3.91 -11.33
C ASP A 36 -0.15 -3.51 -9.90
N LEU A 37 -1.41 -3.25 -9.59
CA LEU A 37 -1.72 -2.59 -8.26
C LEU A 37 -2.01 -3.63 -7.20
N GLY A 38 -1.21 -3.57 -6.14
CA GLY A 38 -1.25 -4.49 -5.03
C GLY A 38 -2.38 -4.10 -4.08
N MET A 39 -3.27 -5.05 -3.81
CA MET A 39 -4.43 -4.93 -2.90
C MET A 39 -4.41 -6.21 -2.13
N PHE A 40 -4.36 -6.10 -0.81
CA PHE A 40 -4.07 -7.24 0.05
C PHE A 40 -5.24 -7.46 1.00
N LEU A 41 -5.64 -8.70 1.14
CA LEU A 41 -6.78 -9.09 2.00
C LEU A 41 -6.26 -9.97 3.12
N ILE A 42 -6.51 -9.59 4.37
CA ILE A 42 -6.16 -10.42 5.54
C ILE A 42 -7.48 -10.87 6.15
N THR A 43 -7.69 -12.17 6.20
CA THR A 43 -8.99 -12.75 6.61
C THR A 43 -8.90 -13.16 8.08
N THR A 44 -9.97 -12.96 8.81
CA THR A 44 -10.02 -13.38 10.22
C THR A 44 -11.43 -13.85 10.54
N PRO A 45 -11.58 -14.61 11.64
CA PRO A 45 -12.93 -15.04 12.03
C PRO A 45 -13.89 -13.90 12.32
N LYS A 46 -13.36 -12.70 12.63
CA LYS A 46 -14.17 -11.51 13.01
CA LYS A 46 -14.20 -11.53 13.01
C LYS A 46 -14.31 -10.54 11.85
N GLY A 47 -13.84 -10.93 10.67
CA GLY A 47 -13.91 -10.02 9.52
C GLY A 47 -12.53 -9.75 8.95
N HIS A 48 -12.48 -8.97 7.88
CA HIS A 48 -11.24 -8.87 7.10
C HIS A 48 -10.69 -7.45 7.10
N ILE A 49 -9.41 -7.39 6.81
CA ILE A 49 -8.64 -6.13 6.62
C ILE A 49 -8.32 -6.08 5.13
N LEU A 50 -8.58 -4.91 4.53
CA LEU A 50 -8.14 -4.62 3.12
C LEU A 50 -7.06 -3.55 3.15
N ILE A 51 -5.92 -3.84 2.53
CA ILE A 51 -4.86 -2.84 2.32
C ILE A 51 -4.88 -2.44 0.85
N ASN A 52 -5.28 -1.20 0.61
CA ASN A 52 -5.33 -0.51 -0.70
C ASN A 52 -6.53 -0.91 -1.54
N THR A 53 -6.97 0.04 -2.33
CA THR A 53 -7.77 -0.21 -3.56
C THR A 53 -6.87 0.00 -4.76
N GLY A 54 -7.44 -0.04 -5.97
CA GLY A 54 -6.79 0.53 -7.14
C GLY A 54 -7.39 1.89 -7.46
N VAL A 55 -7.55 2.17 -8.74
CA VAL A 55 -8.18 3.42 -9.20
C VAL A 55 -9.68 3.31 -9.03
N ALA A 56 -10.39 4.40 -9.27
CA ALA A 56 -11.88 4.39 -9.22
C ALA A 56 -12.40 3.27 -10.11
N GLY A 57 -13.41 2.55 -9.61
CA GLY A 57 -13.98 1.39 -10.32
C GLY A 57 -13.42 0.09 -9.81
N SER A 58 -12.29 0.10 -9.07
CA SER A 58 -11.66 -1.16 -8.65
C SER A 58 -12.43 -1.86 -7.52
N ASP A 59 -13.41 -1.21 -6.90
CA ASP A 59 -14.33 -1.88 -5.92
C ASP A 59 -14.99 -3.08 -6.60
N THR A 60 -15.36 -2.98 -7.88
CA THR A 60 -15.99 -4.10 -8.60
C THR A 60 -15.04 -5.30 -8.64
N LEU A 61 -13.75 -5.07 -8.96
CA LEU A 61 -12.73 -6.14 -9.07
CA LEU A 61 -12.83 -6.23 -9.08
C LEU A 61 -12.45 -6.74 -7.70
N ILE A 62 -12.39 -5.89 -6.69
CA ILE A 62 -12.14 -6.37 -5.30
C ILE A 62 -13.27 -7.31 -4.90
N LYS A 63 -14.52 -6.92 -5.14
CA LYS A 63 -15.70 -7.77 -4.78
C LYS A 63 -15.61 -9.11 -5.54
N ALA A 64 -15.31 -9.08 -6.84
CA ALA A 64 -15.24 -10.29 -7.69
C ALA A 64 -14.10 -11.18 -7.25
N HIS A 65 -12.94 -10.60 -6.93
CA HIS A 65 -11.77 -11.41 -6.56
C HIS A 65 -12.07 -12.10 -5.24
N MET A 66 -12.71 -11.38 -4.32
CA MET A 66 -13.06 -11.97 -3.01
C MET A 66 -14.04 -13.13 -3.20
N LYS A 67 -15.00 -12.98 -4.11
CA LYS A 67 -15.98 -14.06 -4.39
C LYS A 67 -15.19 -15.27 -4.91
N THR A 68 -14.29 -15.08 -5.88
CA THR A 68 -13.46 -16.19 -6.44
C THR A 68 -12.76 -16.97 -5.32
N LEU A 69 -12.24 -16.28 -4.29
CA LEU A 69 -11.54 -16.91 -3.15
C LEU A 69 -12.51 -17.50 -2.10
N GLY A 70 -13.80 -17.16 -2.17
CA GLY A 70 -14.86 -17.64 -1.27
C GLY A 70 -15.10 -16.75 -0.07
N PHE A 71 -14.75 -15.46 -0.18
CA PHE A 71 -15.00 -14.49 0.91
C PHE A 71 -16.02 -13.45 0.46
N LYS A 72 -16.73 -12.89 1.41
CA LYS A 72 -17.74 -11.85 1.17
CA LYS A 72 -17.74 -11.85 1.17
C LYS A 72 -17.13 -10.46 1.37
N PHE A 73 -17.21 -9.66 0.34
CA PHE A 73 -16.79 -8.24 0.37
C PHE A 73 -17.34 -7.52 1.61
N LYS A 74 -18.62 -7.75 1.94
CA LYS A 74 -19.25 -7.01 3.03
C LYS A 74 -18.70 -7.43 4.39
N ASP A 75 -17.80 -8.41 4.45
CA ASP A 75 -17.12 -8.84 5.72
C ASP A 75 -15.82 -8.07 5.93
N ILE A 76 -15.43 -7.17 5.02
CA ILE A 76 -14.28 -6.24 5.29
C ILE A 76 -14.69 -5.30 6.42
N ARG A 77 -13.90 -5.28 7.48
CA ARG A 77 -14.18 -4.45 8.67
C ARG A 77 -13.21 -3.27 8.79
N ILE A 78 -12.00 -3.40 8.28
CA ILE A 78 -10.95 -2.36 8.39
C ILE A 78 -10.40 -2.08 7.01
N LEU A 79 -10.23 -0.79 6.73
CA LEU A 79 -9.57 -0.31 5.50
C LEU A 79 -8.28 0.40 5.87
N LEU A 80 -7.21 0.02 5.19
CA LEU A 80 -5.87 0.62 5.31
C LEU A 80 -5.36 0.98 3.92
N THR A 81 -4.40 1.90 3.88
CA THR A 81 -3.69 2.23 2.64
C THR A 81 -2.20 2.42 2.94
N THR A 82 -1.39 2.10 1.96
CA THR A 82 0.05 2.41 2.02
C THR A 82 0.34 3.89 1.79
N HIS A 83 -0.40 4.57 0.96
CA HIS A 83 -0.28 6.05 0.81
C HIS A 83 -1.48 6.58 0.05
N ALA A 84 -1.84 7.84 0.28
CA ALA A 84 -3.09 8.39 -0.28
C ALA A 84 -2.87 9.04 -1.66
N HIS A 85 -2.45 8.26 -2.63
CA HIS A 85 -2.50 8.61 -4.06
C HIS A 85 -3.68 7.88 -4.70
N TYR A 86 -4.21 8.43 -5.78
CA TYR A 86 -5.45 7.94 -6.39
C TYR A 86 -5.34 6.49 -6.91
N ASP A 87 -4.17 5.99 -7.22
CA ASP A 87 -3.99 4.58 -7.67
C ASP A 87 -4.07 3.58 -6.51
N HIS A 88 -4.07 4.04 -5.24
CA HIS A 88 -4.17 3.17 -4.05
C HIS A 88 -5.40 3.46 -3.21
N VAL A 89 -6.06 4.60 -3.41
CA VAL A 89 -7.31 4.94 -2.67
C VAL A 89 -8.44 5.37 -3.60
N GLY A 90 -8.31 5.16 -4.92
CA GLY A 90 -9.30 5.66 -5.89
C GLY A 90 -10.68 5.07 -5.67
N ALA A 91 -10.79 3.85 -5.13
CA ALA A 91 -12.11 3.25 -4.87
C ALA A 91 -12.39 3.17 -3.37
N MET A 92 -11.60 3.83 -2.52
CA MET A 92 -11.71 3.65 -1.07
C MET A 92 -13.05 4.19 -0.56
N ALA A 93 -13.51 5.34 -1.03
CA ALA A 93 -14.83 5.87 -0.63
C ALA A 93 -15.92 4.87 -1.01
N ALA A 94 -15.87 4.31 -2.20
CA ALA A 94 -16.88 3.34 -2.68
C ALA A 94 -16.87 2.13 -1.75
N VAL A 95 -15.68 1.60 -1.47
CA VAL A 95 -15.60 0.40 -0.61
C VAL A 95 -16.16 0.74 0.78
N LYS A 96 -15.85 1.89 1.35
CA LYS A 96 -16.34 2.26 2.70
C LYS A 96 -17.87 2.43 2.70
N GLN A 97 -18.39 3.02 1.64
CA GLN A 97 -19.87 3.20 1.51
C GLN A 97 -20.55 1.83 1.45
N GLN A 98 -19.97 0.87 0.72
CA GLN A 98 -20.60 -0.44 0.47
C GLN A 98 -20.46 -1.37 1.66
N THR A 99 -19.44 -1.23 2.50
CA THR A 99 -19.09 -2.21 3.56
C THR A 99 -19.32 -1.63 4.95
N HIS A 100 -19.33 -0.31 5.11
CA HIS A 100 -19.27 0.37 6.43
C HIS A 100 -18.05 -0.08 7.23
N ALA A 101 -16.96 -0.43 6.55
CA ALA A 101 -15.68 -0.69 7.24
C ALA A 101 -15.12 0.61 7.83
N LYS A 102 -14.27 0.46 8.84
CA LYS A 102 -13.58 1.61 9.48
C LYS A 102 -12.35 1.96 8.65
N MET A 103 -12.24 3.21 8.25
CA MET A 103 -10.99 3.74 7.60
C MET A 103 -9.98 4.10 8.66
N MET A 104 -8.82 3.45 8.66
CA MET A 104 -7.73 3.76 9.62
C MET A 104 -6.54 4.27 8.78
N VAL A 105 -6.09 5.49 9.08
CA VAL A 105 -5.11 6.23 8.22
C VAL A 105 -4.08 6.91 9.10
N ASN A 106 -2.84 6.81 8.68
CA ASN A 106 -1.71 7.63 9.19
C ASN A 106 -2.18 9.07 9.37
N GLU A 107 -2.03 9.61 10.56
CA GLU A 107 -2.40 11.00 10.87
CA GLU A 107 -2.48 10.99 10.82
C GLU A 107 -1.83 11.94 9.81
N LYS A 108 -0.65 11.63 9.28
CA LYS A 108 0.06 12.53 8.36
CA LYS A 108 0.09 12.50 8.34
C LYS A 108 -0.58 12.52 6.96
N ASP A 109 -1.41 11.51 6.64
CA ASP A 109 -2.15 11.49 5.32
C ASP A 109 -3.65 11.75 5.53
N ALA A 110 -4.12 11.97 6.75
CA ALA A 110 -5.58 12.07 6.99
C ALA A 110 -6.18 13.25 6.22
N ALA A 111 -5.54 14.43 6.24
CA ALA A 111 -6.09 15.61 5.54
C ALA A 111 -6.11 15.36 4.03
N LEU A 112 -5.06 14.74 3.52
CA LEU A 112 -4.99 14.44 2.07
C LEU A 112 -6.10 13.48 1.67
N LEU A 113 -6.32 12.42 2.43
CA LEU A 113 -7.40 11.46 2.14
C LEU A 113 -8.77 12.16 2.23
N ALA A 114 -8.93 13.05 3.20
CA ALA A 114 -10.22 13.73 3.47
C ALA A 114 -10.49 14.84 2.43
N ASP A 115 -9.51 15.25 1.64
CA ASP A 115 -9.72 16.30 0.62
C ASP A 115 -9.56 15.77 -0.78
N GLY A 116 -9.44 14.45 -0.94
CA GLY A 116 -9.48 13.84 -2.29
C GLY A 116 -8.23 14.17 -3.09
N GLY A 117 -7.13 14.50 -2.39
CA GLY A 117 -5.85 14.72 -3.08
C GLY A 117 -5.62 16.16 -3.48
N ASN A 118 -6.58 17.05 -3.17
CA ASN A 118 -6.41 18.44 -3.64
C ASN A 118 -5.20 19.12 -2.94
N SER A 119 -4.78 18.64 -1.76
CA SER A 119 -3.59 19.16 -1.04
C SER A 119 -2.30 18.41 -1.38
N ASP A 120 -2.30 17.56 -2.43
CA ASP A 120 -1.10 16.76 -2.75
C ASP A 120 0.09 17.67 -3.08
N TYR A 121 1.25 17.41 -2.49
CA TYR A 121 2.39 18.36 -2.63
C TYR A 121 2.95 18.40 -4.02
N VAL A 122 2.65 17.43 -4.88
CA VAL A 122 3.12 17.41 -6.30
C VAL A 122 1.89 17.69 -7.18
N MET A 123 0.80 16.96 -6.96
CA MET A 123 -0.30 16.87 -7.94
C MET A 123 -1.49 17.71 -7.51
N GLY A 124 -1.39 18.51 -6.43
CA GLY A 124 -2.52 19.23 -5.82
C GLY A 124 -2.89 20.57 -6.51
N GLY A 125 -3.88 21.26 -5.94
CA GLY A 125 -4.32 22.63 -6.34
C GLY A 125 -5.24 22.63 -7.56
N LYS A 126 -5.53 21.45 -8.15
CA LYS A 126 -6.29 21.33 -9.42
C LYS A 126 -7.55 20.50 -9.17
N GLY A 127 -7.96 20.41 -7.89
CA GLY A 127 -9.14 19.69 -7.41
C GLY A 127 -8.85 18.21 -7.16
N SER A 128 -9.91 17.46 -6.95
CA SER A 128 -9.85 16.10 -6.34
C SER A 128 -9.38 15.11 -7.39
N MET A 129 -8.47 14.24 -6.99
CA MET A 129 -8.09 13.10 -7.86
C MET A 129 -8.89 11.86 -7.42
N PHE A 130 -9.45 11.85 -6.22
CA PHE A 130 -10.25 10.68 -5.75
C PHE A 130 -11.33 11.17 -4.79
N LEU A 131 -12.39 10.37 -4.61
CA LEU A 131 -13.47 10.71 -3.68
C LEU A 131 -12.89 10.69 -2.28
N PRO A 132 -13.16 11.72 -1.48
CA PRO A 132 -12.58 11.81 -0.16
C PRO A 132 -13.14 10.79 0.83
N VAL A 133 -12.30 10.47 1.79
CA VAL A 133 -12.62 9.51 2.87
C VAL A 133 -12.23 10.13 4.21
N LYS A 134 -13.16 10.17 5.16
CA LYS A 134 -12.87 10.59 6.54
C LYS A 134 -12.34 9.42 7.36
N ALA A 135 -11.40 9.68 8.26
CA ALA A 135 -10.73 8.68 9.11
C ALA A 135 -11.63 8.30 10.27
N ASP A 136 -11.73 6.99 10.56
CA ASP A 136 -12.37 6.49 11.80
C ASP A 136 -11.31 6.36 12.91
N ARG A 137 -10.05 6.14 12.56
CA ARG A 137 -8.93 6.07 13.51
C ARG A 137 -7.72 6.70 12.83
N LEU A 138 -7.03 7.57 13.57
CA LEU A 138 -5.78 8.19 13.10
C LEU A 138 -4.63 7.38 13.69
N LEU A 139 -3.71 6.94 12.84
CA LEU A 139 -2.62 6.03 13.23
C LEU A 139 -1.30 6.82 13.37
N HIS A 140 -0.46 6.38 14.30
CA HIS A 140 0.92 6.88 14.54
C HIS A 140 1.95 5.78 14.33
N ASP A 141 3.21 6.17 14.20
CA ASP A 141 4.30 5.21 13.98
C ASP A 141 4.22 4.16 15.08
N GLY A 142 4.27 2.90 14.68
CA GLY A 142 4.26 1.77 15.62
C GLY A 142 2.87 1.36 16.09
N ASP A 143 1.78 2.07 15.77
CA ASP A 143 0.40 1.72 16.21
C ASP A 143 0.06 0.31 15.72
N SER A 144 -0.68 -0.42 16.53
CA SER A 144 -1.17 -1.78 16.17
C SER A 144 -2.66 -1.72 15.81
N ILE A 145 -3.03 -2.49 14.78
CA ILE A 145 -4.41 -2.69 14.28
C ILE A 145 -4.67 -4.17 14.55
N GLN A 146 -5.65 -4.42 15.39
CA GLN A 146 -5.98 -5.80 15.85
C GLN A 146 -7.39 -6.17 15.43
N LEU A 147 -7.55 -7.39 14.95
CA LEU A 147 -8.88 -7.95 14.57
C LEU A 147 -8.75 -9.47 14.50
N GLY A 148 -9.62 -10.19 15.21
CA GLY A 148 -9.72 -11.66 15.06
C GLY A 148 -8.40 -12.40 15.18
N GLY A 149 -7.53 -11.97 16.12
CA GLY A 149 -6.24 -12.65 16.38
C GLY A 149 -5.09 -12.05 15.63
N MET A 150 -5.33 -11.24 14.60
CA MET A 150 -4.28 -10.57 13.81
C MET A 150 -3.83 -9.30 14.52
N LYS A 151 -2.53 -9.05 14.43
CA LYS A 151 -1.89 -7.81 14.89
C LYS A 151 -1.05 -7.23 13.76
N ILE A 152 -1.48 -6.10 13.26
CA ILE A 152 -0.77 -5.38 12.18
C ILE A 152 -0.11 -4.15 12.80
N VAL A 153 1.18 -4.00 12.59
CA VAL A 153 1.90 -2.78 13.04
C VAL A 153 2.15 -1.82 11.86
N MET A 154 1.74 -0.57 12.01
CA MET A 154 2.00 0.48 10.98
C MET A 154 3.36 1.12 11.27
N ARG A 155 4.22 1.25 10.26
CA ARG A 155 5.47 2.02 10.42
C ARG A 155 5.43 3.20 9.48
N GLN A 156 5.69 4.40 9.98
CA GLN A 156 5.67 5.62 9.15
C GLN A 156 6.92 5.64 8.26
N HIS A 157 6.68 5.71 6.95
CA HIS A 157 7.73 5.71 5.90
C HIS A 157 7.48 6.92 5.01
N PRO A 158 7.57 8.14 5.56
CA PRO A 158 7.14 9.33 4.84
C PRO A 158 8.05 9.65 3.65
N GLY A 159 7.51 10.47 2.75
CA GLY A 159 8.25 11.06 1.63
C GLY A 159 7.40 10.98 0.38
N HIS A 160 7.14 9.79 -0.09
CA HIS A 160 6.30 9.61 -1.31
C HIS A 160 4.95 10.33 -1.09
N THR A 161 4.38 10.24 0.11
CA THR A 161 3.41 11.17 0.66
C THR A 161 3.84 11.42 2.10
N PRO A 162 3.38 12.51 2.72
CA PRO A 162 3.75 12.73 4.12
C PRO A 162 3.35 11.54 5.00
N GLY A 163 2.21 10.92 4.70
CA GLY A 163 1.69 9.80 5.52
C GLY A 163 1.94 8.43 4.93
N ALA A 164 2.84 8.29 3.98
CA ALA A 164 3.20 6.97 3.44
C ALA A 164 3.69 6.06 4.56
N ASN A 165 3.26 4.79 4.49
CA ASN A 165 3.53 3.86 5.59
C ASN A 165 3.54 2.42 5.07
N SER A 166 4.22 1.57 5.83
CA SER A 166 4.28 0.11 5.56
C SER A 166 3.54 -0.58 6.70
N PHE A 167 3.25 -1.87 6.51
CA PHE A 167 2.55 -2.70 7.49
C PHE A 167 3.33 -4.00 7.69
N LEU A 168 3.54 -4.35 8.96
CA LEU A 168 4.22 -5.61 9.34
C LEU A 168 3.22 -6.44 10.13
N PHE A 169 3.19 -7.73 9.85
CA PHE A 169 2.27 -8.65 10.57
C PHE A 169 2.73 -10.08 10.37
N ASP A 170 2.41 -10.88 11.37
CA ASP A 170 2.63 -12.35 11.32
C ASP A 170 1.40 -13.06 10.75
N VAL A 171 1.65 -14.01 9.85
CA VAL A 171 0.60 -14.96 9.37
C VAL A 171 1.08 -16.39 9.70
N LYS A 172 0.13 -17.23 10.00
CA LYS A 172 0.38 -18.66 10.36
C LYS A 172 -0.25 -19.55 9.29
N ASP A 173 0.47 -20.53 8.76
CA ASP A 173 -0.20 -21.60 7.93
C ASP A 173 -0.05 -22.93 8.68
N ALA A 174 -0.38 -24.04 8.01
CA ALA A 174 -0.29 -25.40 8.58
C ALA A 174 1.15 -25.72 9.01
N VAL A 175 2.16 -25.07 8.44
CA VAL A 175 3.60 -25.43 8.57
C VAL A 175 4.32 -24.50 9.55
N ARG A 176 4.21 -23.17 9.35
CA ARG A 176 5.02 -22.23 10.16
C ARG A 176 4.39 -20.82 10.18
N THR A 177 5.05 -19.91 10.90
CA THR A 177 4.69 -18.48 10.96
C THR A 177 5.62 -17.70 10.02
N TYR A 178 5.05 -16.74 9.29
CA TYR A 178 5.84 -15.81 8.44
C TYR A 178 5.56 -14.35 8.85
N LYS A 179 6.63 -13.59 9.03
CA LYS A 179 6.50 -12.13 9.24
C LYS A 179 6.53 -11.46 7.87
N VAL A 180 5.43 -10.80 7.55
CA VAL A 180 5.23 -10.18 6.23
C VAL A 180 5.36 -8.66 6.38
N LEU A 181 6.03 -8.08 5.42
CA LEU A 181 6.09 -6.61 5.25
C LEU A 181 5.36 -6.27 3.96
N ILE A 182 4.37 -5.40 4.08
CA ILE A 182 3.77 -4.72 2.89
C ILE A 182 4.46 -3.33 2.89
N ALA A 183 5.44 -3.20 2.03
CA ALA A 183 6.40 -2.09 2.03
C ALA A 183 5.96 -0.98 1.09
N ASN A 184 5.88 0.25 1.59
CA ASN A 184 5.71 1.40 0.68
C ASN A 184 7.09 1.89 0.25
N ILE A 185 7.43 1.63 -0.98
CA ILE A 185 8.80 1.88 -1.50
C ILE A 185 8.93 3.38 -1.67
N PRO A 186 10.04 3.97 -1.21
CA PRO A 186 10.22 5.43 -1.22
C PRO A 186 10.63 5.97 -2.58
N SER A 187 9.78 5.76 -3.57
CA SER A 187 9.98 6.35 -4.90
C SER A 187 9.82 7.86 -4.86
N ILE A 188 10.60 8.56 -5.64
CA ILE A 188 10.68 10.04 -5.74
C ILE A 188 10.14 10.44 -7.11
N LEU A 189 9.13 11.30 -7.17
CA LEU A 189 8.55 11.75 -8.46
C LEU A 189 9.51 12.79 -9.05
N ASN A 190 9.42 12.94 -10.36
CA ASN A 190 10.28 13.90 -11.08
C ASN A 190 10.16 15.32 -10.49
N ASP A 191 8.94 15.77 -10.14
CA ASP A 191 8.73 17.20 -9.81
C ASP A 191 9.19 17.45 -8.36
N THR A 192 9.66 16.47 -7.65
CA THR A 192 10.02 16.66 -6.20
C THR A 192 11.42 17.25 -6.03
N LYS A 193 11.50 18.38 -5.31
CA LYS A 193 12.73 19.04 -4.89
C LYS A 193 13.07 18.62 -3.47
N LEU A 194 14.09 17.78 -3.29
CA LEU A 194 14.40 17.20 -1.96
C LEU A 194 14.88 18.21 -0.94
N SER A 195 15.35 19.40 -1.34
CA SER A 195 15.68 20.46 -0.37
C SER A 195 14.40 21.01 0.29
N GLY A 196 13.23 20.70 -0.24
CA GLY A 196 11.98 21.21 0.34
C GLY A 196 11.00 21.54 -0.74
N MET A 197 9.75 21.11 -0.56
CA MET A 197 8.67 21.46 -1.49
C MET A 197 7.75 22.43 -0.78
N PRO A 198 7.16 23.38 -1.52
CA PRO A 198 6.33 24.40 -0.87
C PRO A 198 5.21 23.85 0.03
N LEU A 199 4.51 22.80 -0.38
CA LEU A 199 3.47 22.18 0.47
C LEU A 199 4.01 21.01 1.30
N TYR A 200 5.34 20.76 1.27
CA TYR A 200 6.00 19.70 2.07
C TYR A 200 7.46 20.03 2.34
N PRO A 201 7.74 21.02 3.20
CA PRO A 201 9.12 21.45 3.41
C PRO A 201 10.01 20.33 3.96
N GLU A 202 9.47 19.34 4.66
CA GLU A 202 10.31 18.27 5.28
CA GLU A 202 10.25 18.25 5.31
C GLU A 202 10.51 17.09 4.34
N VAL A 203 10.12 17.22 3.08
CA VAL A 203 10.13 16.07 2.16
C VAL A 203 11.49 15.36 2.13
N GLY A 204 12.58 16.07 1.97
CA GLY A 204 13.89 15.38 1.85
C GLY A 204 14.36 14.81 3.17
N LYS A 205 14.07 15.46 4.27
CA LYS A 205 14.45 14.91 5.60
C LYS A 205 13.66 13.60 5.81
N ASP A 206 12.40 13.59 5.38
CA ASP A 206 11.52 12.43 5.55
C ASP A 206 12.02 11.28 4.68
N TYR A 207 12.32 11.53 3.41
CA TYR A 207 12.83 10.46 2.54
C TYR A 207 14.13 9.89 3.10
N ALA A 208 14.98 10.74 3.62
CA ALA A 208 16.27 10.29 4.19
C ALA A 208 16.01 9.35 5.36
N TYR A 209 15.07 9.75 6.24
CA TYR A 209 14.65 8.94 7.39
C TYR A 209 14.13 7.59 6.91
N THR A 210 13.22 7.62 5.94
CA THR A 210 12.55 6.39 5.46
C THR A 210 13.57 5.42 4.86
N LEU A 211 14.50 5.92 4.04
CA LEU A 211 15.49 4.99 3.43
C LEU A 211 16.26 4.24 4.53
N LYS A 212 16.65 4.92 5.59
CA LYS A 212 17.39 4.26 6.70
C LYS A 212 16.45 3.32 7.47
N ALA A 213 15.24 3.78 7.78
CA ALA A 213 14.26 3.06 8.61
C ALA A 213 13.85 1.76 7.91
N MET A 214 13.59 1.80 6.60
CA MET A 214 13.16 0.61 5.88
C MET A 214 14.32 -0.40 5.77
N LYS A 215 15.56 0.06 5.67
CA LYS A 215 16.69 -0.90 5.60
C LYS A 215 16.76 -1.69 6.90
N ALA A 216 16.38 -1.07 8.00
CA ALA A 216 16.53 -1.65 9.35
C ALA A 216 15.45 -2.69 9.68
N LEU A 217 14.40 -2.80 8.88
CA LEU A 217 13.29 -3.72 9.18
C LEU A 217 13.73 -5.17 8.97
N LYS A 218 13.15 -6.06 9.75
CA LYS A 218 13.40 -7.52 9.71
CA LYS A 218 13.42 -7.51 9.59
C LYS A 218 12.08 -8.23 9.41
N PHE A 219 12.04 -9.10 8.41
CA PHE A 219 10.81 -9.81 8.00
C PHE A 219 11.19 -11.05 7.18
N ASP A 220 10.23 -11.92 6.94
CA ASP A 220 10.45 -13.12 6.11
C ASP A 220 10.07 -12.85 4.65
N LEU A 221 8.87 -12.28 4.46
CA LEU A 221 8.30 -12.11 3.11
C LEU A 221 8.00 -10.62 2.90
N TRP A 222 8.08 -10.15 1.66
CA TRP A 222 7.66 -8.75 1.39
C TRP A 222 6.90 -8.64 0.09
N LEU A 223 6.01 -7.65 0.07
CA LEU A 223 5.29 -7.25 -1.17
C LEU A 223 5.17 -5.73 -1.09
N ALA A 224 4.73 -5.14 -2.17
CA ALA A 224 4.67 -3.68 -2.30
C ALA A 224 3.46 -3.31 -3.17
N PRO A 225 3.14 -2.00 -3.24
CA PRO A 225 1.92 -1.57 -3.91
C PRO A 225 1.95 -1.69 -5.43
N HIS A 226 3.14 -1.76 -6.04
CA HIS A 226 3.26 -1.91 -7.49
C HIS A 226 4.04 -3.19 -7.77
N ALA A 227 3.56 -4.00 -8.73
CA ALA A 227 4.16 -5.30 -9.03
C ALA A 227 5.66 -5.15 -9.36
N GLY A 228 6.03 -4.13 -10.12
CA GLY A 228 7.42 -3.98 -10.61
C GLY A 228 8.38 -3.72 -9.45
N GLN A 229 7.90 -3.14 -8.34
CA GLN A 229 8.76 -2.79 -7.20
C GLN A 229 9.31 -4.06 -6.55
N TYR A 230 8.59 -5.17 -6.58
CA TYR A 230 9.00 -6.44 -5.92
C TYR A 230 9.01 -7.59 -6.91
N GLU A 231 8.91 -7.29 -8.20
CA GLU A 231 9.02 -8.30 -9.29
C GLU A 231 7.97 -9.40 -9.08
N LEU A 232 6.72 -9.04 -8.77
CA LEU A 232 5.62 -10.01 -8.61
C LEU A 232 5.66 -11.06 -9.73
N HIS A 233 5.73 -10.62 -10.98
CA HIS A 233 5.45 -11.49 -12.14
C HIS A 233 6.68 -12.32 -12.47
N LYS A 234 7.81 -12.07 -11.79
CA LYS A 234 8.95 -13.01 -11.86
C LYS A 234 8.88 -14.02 -10.73
N LYS A 235 8.17 -13.72 -9.63
CA LYS A 235 8.07 -14.59 -8.44
C LYS A 235 6.86 -15.52 -8.50
N HIS A 236 5.85 -15.15 -9.28
CA HIS A 236 4.52 -15.80 -9.22
C HIS A 236 3.89 -15.77 -10.60
N GLN A 237 3.32 -16.91 -11.00
CA GLN A 237 2.48 -17.02 -12.20
C GLN A 237 1.12 -17.58 -11.79
N PRO A 238 0.04 -17.18 -12.48
CA PRO A 238 -1.29 -17.75 -12.23
C PRO A 238 -1.28 -19.29 -12.19
N GLY A 239 -1.91 -19.87 -11.15
CA GLY A 239 -2.01 -21.32 -10.98
C GLY A 239 -0.82 -21.91 -10.27
N ASP A 240 0.22 -21.13 -9.93
CA ASP A 240 1.33 -21.65 -9.11
C ASP A 240 0.78 -22.31 -7.84
N ALA A 241 1.40 -23.42 -7.42
CA ALA A 241 1.10 -24.09 -6.15
C ALA A 241 1.38 -23.08 -5.04
N TYR A 242 0.65 -23.19 -3.93
CA TYR A 242 0.94 -22.43 -2.68
C TYR A 242 2.43 -22.53 -2.39
N ASN A 243 3.10 -21.40 -2.20
CA ASN A 243 4.54 -21.37 -1.88
C ASN A 243 4.96 -19.99 -1.37
N PRO A 244 4.80 -19.75 -0.06
CA PRO A 244 5.11 -18.43 0.51
C PRO A 244 6.54 -18.02 0.17
N ALA A 245 7.46 -18.99 0.16
CA ALA A 245 8.91 -18.67 -0.10
C ALA A 245 9.12 -17.96 -1.42
N ALA A 246 8.17 -17.99 -2.34
CA ALA A 246 8.26 -17.21 -3.58
C ALA A 246 8.48 -15.73 -3.25
N PHE A 247 8.07 -15.29 -2.05
CA PHE A 247 8.16 -13.85 -1.65
C PHE A 247 9.27 -13.62 -0.61
N SER A 248 10.12 -14.63 -0.39
CA SER A 248 11.36 -14.47 0.39
C SER A 248 12.41 -13.90 -0.56
N ASP A 249 12.85 -12.66 -0.33
CA ASP A 249 13.73 -11.97 -1.29
C ASP A 249 14.37 -10.77 -0.61
N ARG A 250 15.21 -11.02 0.38
CA ARG A 250 15.90 -9.91 1.07
C ARG A 250 16.79 -9.16 0.07
N ALA A 251 17.52 -9.87 -0.80
CA ALA A 251 18.41 -9.23 -1.77
C ALA A 251 17.65 -8.20 -2.61
N GLY A 252 16.45 -8.54 -3.10
CA GLY A 252 15.68 -7.65 -3.98
C GLY A 252 15.21 -6.43 -3.21
N TYR A 253 14.88 -6.60 -1.95
CA TYR A 253 14.45 -5.48 -1.07
C TYR A 253 15.62 -4.54 -0.86
N ASP A 254 16.78 -5.06 -0.47
CA ASP A 254 17.99 -4.21 -0.31
C ASP A 254 18.32 -3.52 -1.62
N ASP A 255 18.23 -4.21 -2.75
CA ASP A 255 18.59 -3.64 -4.07
C ASP A 255 17.66 -2.47 -4.40
N VAL A 256 16.35 -2.59 -4.17
CA VAL A 256 15.39 -1.49 -4.49
CA VAL A 256 15.46 -1.45 -4.56
C VAL A 256 15.67 -0.29 -3.58
N LEU A 257 15.92 -0.52 -2.29
CA LEU A 257 16.20 0.61 -1.37
C LEU A 257 17.53 1.27 -1.74
N ASP A 258 18.54 0.49 -2.06
CA ASP A 258 19.86 1.04 -2.47
CA ASP A 258 19.86 1.04 -2.48
C ASP A 258 19.69 1.90 -3.73
N GLU A 259 18.88 1.44 -4.70
CA GLU A 259 18.63 2.23 -5.94
CA GLU A 259 18.60 2.22 -5.95
C GLU A 259 17.99 3.57 -5.54
N TRP A 260 16.98 3.54 -4.68
CA TRP A 260 16.37 4.82 -4.28
C TRP A 260 17.34 5.68 -3.44
N GLN A 261 18.22 5.08 -2.64
CA GLN A 261 19.20 5.87 -1.87
C GLN A 261 20.17 6.56 -2.85
N GLN A 262 20.55 5.87 -3.92
CA GLN A 262 21.51 6.49 -4.88
C GLN A 262 20.77 7.60 -5.63
N ILE A 263 19.49 7.41 -5.98
CA ILE A 263 18.72 8.50 -6.64
C ILE A 263 18.61 9.69 -5.69
N TYR A 264 18.21 9.46 -4.45
CA TYR A 264 18.13 10.50 -3.40
C TYR A 264 19.46 11.26 -3.33
N ASP A 265 20.57 10.55 -3.27
CA ASP A 265 21.90 11.18 -3.05
C ASP A 265 22.20 12.07 -4.25
N LYS A 266 21.87 11.61 -5.46
CA LYS A 266 22.21 12.40 -6.67
C LYS A 266 21.26 13.60 -6.76
N ARG A 267 19.98 13.40 -6.46
CA ARG A 267 18.95 14.47 -6.61
CA ARG A 267 18.99 14.50 -6.65
C ARG A 267 19.16 15.56 -5.56
N VAL A 268 19.64 15.19 -4.39
CA VAL A 268 20.04 16.23 -3.40
C VAL A 268 21.16 17.09 -4.01
N LYS A 269 22.08 16.51 -4.78
CA LYS A 269 23.22 17.30 -5.40
C LYS A 269 22.79 18.09 -6.66
N GLU A 270 21.57 17.93 -7.16
CA GLU A 270 20.87 18.92 -8.04
C GLU A 270 20.08 19.86 -7.13
ZN ZN B . 1.27 4.11 -6.85
ZN ZN C . 2.14 7.13 -5.35
C1 EDO D . 3.71 -7.18 13.96
O1 EDO D . 3.45 -7.79 15.20
C2 EDO D . 4.83 -7.80 13.26
O2 EDO D . 6.06 -7.21 13.64
#